data_7V50
#
_entry.id   7V50
#
_cell.length_a   53.305
_cell.length_b   52.900
_cell.length_c   102.994
_cell.angle_alpha   90.00
_cell.angle_beta   95.82
_cell.angle_gamma   90.00
#
_symmetry.space_group_name_H-M   'P 1 21 1'
#
loop_
_entity.id
_entity.type
_entity.pdbx_description
1 polymer 'Putative flavin-binding monooxygenase'
2 non-polymer 'FLAVIN-ADENINE DINUCLEOTIDE'
3 non-polymer 'NADP NICOTINAMIDE-ADENINE-DINUCLEOTIDE PHOSPHATE'
4 water water
#
_entity_poly.entity_id   1
_entity_poly.type   'polypeptide(L)'
_entity_poly.pdbx_seq_one_letter_code
;MGSSHHHHHHSSGLVPRGSHMTQKMDFDAIIIGAGFGGLYSLKKLRDDFNLKVRAFDRATEVGGTWFWNQYPGALSDSET
HLYCYSWDKELLQEMEIKRKYISQPDVLAYLKRVADKHDLRKDIQFETGIRSAYFDEENSFWNVTTENDEKFTARFLITA
LGLLAAPNLPKIKGIETFKGELHHTSRWPKDVTFSGKRVGVIGTGSTGVQVITAIASQVKHLTVFQRSAQYSVPIGNVVM
SETDVAKIKENYDQIWENVWNSALGYGLNESTLPTMSVSAEERDKIFEKAWQEGGGLRFMFETFGDIAVDETANIEAQNF
IKKKISEIVKDPFVAKKLTPTDLYACRPLCDSGYYEIFNRDNVSLEDVKANPIVEIKEDCVVTADGVEHKLDMLICATGF
DAVDGSYKRIDIRGKDGISIKDHWKDGPNSYLGMMVSNFPNMFMVFGPNGPLANSPPIIETQVRWIADLIGYAEDHQINQ
IEATKDAVDNWTNTCSDIANKTLFAKAKCRIFGANVPGKKNTVYLYMGGLKEYRNQISEVSNNNYKGCLLKQSVKKTNLI
ES
;
_entity_poly.pdbx_strand_id   A
#
loop_
_chem_comp.id
_chem_comp.type
_chem_comp.name
_chem_comp.formula
FAD non-polymer 'FLAVIN-ADENINE DINUCLEOTIDE' 'C27 H33 N9 O15 P2'
NAP non-polymer 'NADP NICOTINAMIDE-ADENINE-DINUCLEOTIDE PHOSPHATE' 'C21 H28 N7 O17 P3'
#
# COMPACT_ATOMS: atom_id res chain seq x y z
N MET A 25 -27.23 5.90 17.55
CA MET A 25 -27.65 7.30 17.48
C MET A 25 -27.45 7.86 16.08
N ASP A 26 -27.50 9.18 15.98
CA ASP A 26 -27.37 9.88 14.70
C ASP A 26 -26.01 10.56 14.60
N PHE A 27 -25.44 10.56 13.40
CA PHE A 27 -24.18 11.24 13.12
C PHE A 27 -24.27 11.92 11.77
N ASP A 28 -23.41 12.92 11.57
CA ASP A 28 -23.26 13.48 10.22
C ASP A 28 -22.45 12.56 9.34
N ALA A 29 -21.49 11.82 9.91
CA ALA A 29 -20.65 10.93 9.15
C ALA A 29 -20.15 9.81 10.05
N ILE A 30 -19.94 8.64 9.44
CA ILE A 30 -19.36 7.48 10.12
C ILE A 30 -18.18 7.01 9.28
N ILE A 31 -17.03 6.83 9.93
CA ILE A 31 -15.80 6.40 9.28
C ILE A 31 -15.49 4.97 9.72
N ILE A 32 -15.02 4.16 8.77
CA ILE A 32 -14.56 2.81 9.04
C ILE A 32 -13.05 2.80 8.83
N GLY A 33 -12.30 2.70 9.92
CA GLY A 33 -10.85 2.66 9.84
C GLY A 33 -10.17 3.74 10.67
N ALA A 34 -9.10 3.36 11.37
CA ALA A 34 -8.34 4.27 12.20
C ALA A 34 -6.88 4.35 11.76
N GLY A 35 -6.63 4.12 10.48
CA GLY A 35 -5.31 4.27 9.90
C GLY A 35 -5.06 5.67 9.41
N PHE A 36 -4.17 5.78 8.42
CA PHE A 36 -3.88 7.09 7.83
C PHE A 36 -5.14 7.75 7.31
N GLY A 37 -5.94 7.01 6.54
CA GLY A 37 -7.13 7.60 5.94
C GLY A 37 -8.21 7.94 6.96
N GLY A 38 -8.44 7.05 7.92
CA GLY A 38 -9.50 7.28 8.90
C GLY A 38 -9.17 8.39 9.88
N LEU A 39 -7.91 8.49 10.29
CA LEU A 39 -7.53 9.51 11.26
C LEU A 39 -7.66 10.91 10.67
N TYR A 40 -7.27 11.08 9.41
CA TYR A 40 -7.43 12.38 8.77
C TYR A 40 -8.87 12.64 8.34
N SER A 41 -9.60 11.58 7.98
CA SER A 41 -11.04 11.74 7.72
C SER A 41 -11.76 12.23 8.96
N LEU A 42 -11.34 11.75 10.14
CA LEU A 42 -11.95 12.19 11.38
C LEU A 42 -11.58 13.64 11.69
N LYS A 43 -10.30 13.98 11.57
CA LYS A 43 -9.85 15.33 11.88
C LYS A 43 -10.53 16.37 11.00
N LYS A 44 -10.56 16.12 9.69
CA LYS A 44 -11.10 17.10 8.75
C LYS A 44 -12.60 17.29 8.95
N LEU A 45 -13.35 16.20 9.09
CA LEU A 45 -14.79 16.30 9.19
C LEU A 45 -15.24 16.87 10.52
N ARG A 46 -14.51 16.60 11.60
CA ARG A 46 -14.95 17.00 12.94
C ARG A 46 -14.48 18.39 13.33
N ASP A 47 -13.20 18.69 13.16
CA ASP A 47 -12.64 19.94 13.66
C ASP A 47 -12.70 21.08 12.66
N ASP A 48 -12.66 20.78 11.36
CA ASP A 48 -12.68 21.82 10.34
C ASP A 48 -14.06 22.08 9.77
N PHE A 49 -14.93 21.07 9.73
CA PHE A 49 -16.30 21.24 9.26
C PHE A 49 -17.33 21.13 10.37
N ASN A 50 -16.90 20.87 11.61
CA ASN A 50 -17.77 20.86 12.79
C ASN A 50 -18.93 19.89 12.63
N LEU A 51 -18.65 18.72 12.05
CA LEU A 51 -19.65 17.67 11.91
C LEU A 51 -19.57 16.69 13.08
N LYS A 52 -20.71 16.09 13.40
CA LYS A 52 -20.78 15.03 14.39
C LYS A 52 -20.43 13.71 13.72
N VAL A 53 -19.39 13.05 14.20
CA VAL A 53 -18.79 11.94 13.46
C VAL A 53 -18.17 10.95 14.46
N ARG A 54 -18.23 9.66 14.09
CA ARG A 54 -17.65 8.59 14.88
C ARG A 54 -16.95 7.61 13.95
N ALA A 55 -15.79 7.11 14.38
CA ALA A 55 -14.99 6.18 13.59
C ALA A 55 -14.90 4.84 14.29
N PHE A 56 -14.73 3.78 13.49
CA PHE A 56 -14.71 2.42 14.00
C PHE A 56 -13.54 1.65 13.42
N ASP A 57 -12.91 0.82 14.26
CA ASP A 57 -11.81 -0.02 13.84
C ASP A 57 -11.79 -1.28 14.69
N ARG A 58 -11.38 -2.39 14.08
CA ARG A 58 -11.27 -3.65 14.82
C ARG A 58 -10.14 -3.61 15.83
N ALA A 59 -9.08 -2.84 15.56
CA ALA A 59 -7.89 -2.85 16.40
C ALA A 59 -8.16 -2.17 17.75
N THR A 60 -7.21 -2.33 18.65
CA THR A 60 -7.25 -1.68 19.95
C THR A 60 -6.61 -0.30 19.94
N GLU A 61 -6.04 0.12 18.81
CA GLU A 61 -5.29 1.37 18.74
C GLU A 61 -5.28 1.84 17.29
N VAL A 62 -4.99 3.12 17.11
CA VAL A 62 -4.83 3.70 15.78
C VAL A 62 -3.62 3.09 15.10
N GLY A 63 -3.47 3.33 13.80
CA GLY A 63 -2.33 2.83 13.08
C GLY A 63 -2.69 2.13 11.78
N GLY A 64 -3.84 1.48 11.76
CA GLY A 64 -4.23 0.74 10.56
C GLY A 64 -3.30 -0.41 10.31
N THR A 65 -2.83 -0.53 9.06
CA THR A 65 -1.90 -1.59 8.70
C THR A 65 -0.60 -1.50 9.49
N TRP A 66 -0.27 -0.32 10.01
CA TRP A 66 0.96 -0.16 10.80
C TRP A 66 0.81 -0.64 12.23
N PHE A 67 -0.42 -0.93 12.66
CA PHE A 67 -0.64 -1.62 13.94
C PHE A 67 -0.63 -3.13 13.76
N TRP A 68 -1.14 -3.62 12.62
CA TRP A 68 -1.21 -5.06 12.39
C TRP A 68 0.13 -5.63 11.94
N ASN A 69 0.76 -5.00 10.95
CA ASN A 69 1.92 -5.56 10.26
C ASN A 69 3.19 -5.19 11.01
N GLN A 70 3.61 -6.07 11.91
CA GLN A 70 4.81 -5.88 12.72
C GLN A 70 5.83 -6.97 12.47
N TYR A 71 5.93 -7.43 11.22
CA TYR A 71 6.86 -8.48 10.88
C TYR A 71 8.30 -7.94 10.85
N PRO A 72 9.30 -8.82 10.95
CA PRO A 72 10.69 -8.35 10.96
C PRO A 72 11.05 -7.65 9.65
N GLY A 73 11.62 -6.45 9.79
CA GLY A 73 12.05 -5.68 8.65
C GLY A 73 10.99 -4.79 8.03
N ALA A 74 9.82 -4.68 8.65
CA ALA A 74 8.77 -3.81 8.11
C ALA A 74 9.28 -2.38 8.00
N LEU A 75 9.17 -1.83 6.80
CA LEU A 75 9.77 -0.54 6.50
C LEU A 75 8.98 0.13 5.37
N SER A 76 8.80 1.44 5.48
CA SER A 76 8.18 2.19 4.41
C SER A 76 9.08 2.20 3.19
N ASP A 77 8.47 2.22 2.00
CA ASP A 77 9.21 2.40 0.77
C ASP A 77 9.17 3.84 0.29
N SER A 78 8.57 4.74 1.07
CA SER A 78 8.72 6.17 0.93
C SER A 78 9.61 6.69 2.05
N GLU A 79 10.37 7.74 1.74
CA GLU A 79 11.31 8.28 2.72
C GLU A 79 10.55 8.89 3.90
N THR A 80 11.26 8.97 5.04
CA THR A 80 10.62 9.32 6.30
C THR A 80 9.92 10.68 6.23
N HIS A 81 10.61 11.70 5.71
CA HIS A 81 10.05 13.04 5.71
C HIS A 81 8.84 13.19 4.81
N LEU A 82 8.50 12.17 4.01
CA LEU A 82 7.32 12.23 3.15
C LEU A 82 6.24 11.23 3.53
N TYR A 83 6.56 10.20 4.31
CA TYR A 83 5.55 9.24 4.76
C TYR A 83 4.91 9.73 6.06
N CYS A 84 4.10 10.77 5.90
CA CYS A 84 3.52 11.49 7.03
C CYS A 84 2.48 12.47 6.50
N TYR A 85 1.79 13.14 7.41
CA TYR A 85 0.82 14.15 7.06
C TYR A 85 1.50 15.47 6.72
N SER A 86 0.88 16.23 5.82
CA SER A 86 1.38 17.54 5.42
C SER A 86 0.56 18.70 5.95
N TRP A 87 -0.62 18.43 6.52
CA TRP A 87 -1.57 19.49 6.85
C TRP A 87 -1.30 20.15 8.20
N ASP A 88 -0.39 19.61 9.01
CA ASP A 88 -0.08 20.16 10.34
C ASP A 88 1.38 20.59 10.33
N LYS A 89 1.63 21.86 10.07
CA LYS A 89 3.02 22.34 9.93
C LYS A 89 3.75 22.36 11.26
N GLU A 90 3.03 22.56 12.36
CA GLU A 90 3.66 22.47 13.68
C GLU A 90 4.13 21.05 13.95
N LEU A 91 3.44 20.05 13.39
CA LEU A 91 3.86 18.66 13.52
C LEU A 91 5.06 18.35 12.64
N LEU A 92 5.17 18.98 11.47
CA LEU A 92 6.30 18.74 10.58
C LEU A 92 7.61 19.16 11.24
N GLN A 93 7.65 20.38 11.79
CA GLN A 93 8.84 20.84 12.49
C GLN A 93 9.10 20.00 13.74
N GLU A 94 8.05 19.43 14.32
CA GLU A 94 8.13 18.59 15.50
C GLU A 94 8.59 17.17 15.20
N MET A 95 8.64 16.79 13.93
CA MET A 95 8.68 15.38 13.58
C MET A 95 10.03 14.75 13.84
N GLU A 96 10.00 13.51 14.34
CA GLU A 96 11.19 12.69 14.47
C GLU A 96 11.58 12.13 13.10
N ILE A 97 12.77 12.49 12.65
CA ILE A 97 13.33 11.97 11.39
C ILE A 97 14.61 11.24 11.77
N LYS A 98 14.48 9.98 12.18
CA LYS A 98 15.61 9.23 12.71
C LYS A 98 16.48 8.68 11.59
N ARG A 99 15.89 7.93 10.66
CA ARG A 99 16.60 7.39 9.52
C ARG A 99 15.91 7.84 8.24
N LYS A 100 16.54 7.56 7.10
CA LYS A 100 15.99 7.99 5.82
C LYS A 100 14.65 7.33 5.54
N TYR A 101 14.46 6.10 6.00
CA TYR A 101 13.18 5.42 5.94
C TYR A 101 12.75 5.07 7.37
N ILE A 102 11.44 4.92 7.56
CA ILE A 102 10.85 4.81 8.89
C ILE A 102 10.31 3.41 9.07
N SER A 103 10.58 2.84 10.24
CA SER A 103 10.18 1.47 10.57
C SER A 103 8.74 1.46 11.09
N GLN A 104 8.18 0.25 11.20
CA GLN A 104 6.80 0.10 11.65
C GLN A 104 6.57 0.65 13.06
N PRO A 105 7.41 0.36 14.06
CA PRO A 105 7.15 0.95 15.39
C PRO A 105 7.17 2.46 15.40
N ASP A 106 7.95 3.08 14.53
CA ASP A 106 8.02 4.55 14.51
C ASP A 106 6.88 5.17 13.73
N VAL A 107 6.36 4.48 12.70
CA VAL A 107 5.14 4.95 12.05
C VAL A 107 3.97 4.85 13.02
N LEU A 108 3.87 3.72 13.74
CA LEU A 108 2.81 3.56 14.73
C LEU A 108 2.89 4.63 15.81
N ALA A 109 4.10 4.90 16.31
CA ALA A 109 4.27 5.92 17.32
C ALA A 109 3.94 7.30 16.79
N TYR A 110 4.20 7.55 15.51
CA TYR A 110 3.83 8.83 14.90
C TYR A 110 2.31 8.99 14.84
N LEU A 111 1.62 7.94 14.38
CA LEU A 111 0.17 8.02 14.26
C LEU A 111 -0.50 8.13 15.62
N LYS A 112 0.11 7.56 16.67
CA LYS A 112 -0.41 7.74 18.02
C LYS A 112 -0.25 9.18 18.47
N ARG A 113 0.90 9.80 18.17
CA ARG A 113 1.12 11.20 18.53
C ARG A 113 0.14 12.11 17.80
N VAL A 114 -0.19 11.76 16.54
CA VAL A 114 -1.21 12.51 15.82
C VAL A 114 -2.55 12.40 16.54
N ALA A 115 -2.88 11.21 17.05
CA ALA A 115 -4.13 11.03 17.76
C ALA A 115 -4.09 11.70 19.13
N ASP A 116 -2.93 11.70 19.79
CA ASP A 116 -2.81 12.37 21.08
C ASP A 116 -3.00 13.88 20.94
N LYS A 117 -2.43 14.46 19.89
CA LYS A 117 -2.41 15.92 19.77
C LYS A 117 -3.78 16.47 19.39
N HIS A 118 -4.45 15.84 18.44
CA HIS A 118 -5.70 16.38 17.88
C HIS A 118 -6.94 15.74 18.50
N ASP A 119 -6.81 15.08 19.65
CA ASP A 119 -7.96 14.62 20.44
C ASP A 119 -8.88 13.73 19.61
N LEU A 120 -8.29 12.76 18.93
CA LEU A 120 -9.03 11.93 17.98
C LEU A 120 -9.63 10.69 18.63
N ARG A 121 -9.02 10.14 19.68
CA ARG A 121 -9.44 8.85 20.22
C ARG A 121 -10.84 8.90 20.82
N LYS A 122 -11.24 10.06 21.36
CA LYS A 122 -12.56 10.16 21.99
C LYS A 122 -13.70 9.96 21.00
N ASP A 123 -13.44 10.03 19.70
CA ASP A 123 -14.46 9.80 18.69
C ASP A 123 -14.15 8.56 17.84
N ILE A 124 -13.27 7.70 18.31
CA ILE A 124 -13.00 6.40 17.68
C ILE A 124 -13.48 5.31 18.63
N GLN A 125 -14.21 4.35 18.10
CA GLN A 125 -14.66 3.18 18.86
C GLN A 125 -13.80 2.00 18.45
N PHE A 126 -12.95 1.54 19.35
CA PHE A 126 -12.00 0.48 19.07
C PHE A 126 -12.61 -0.89 19.35
N GLU A 127 -11.91 -1.94 18.90
CA GLU A 127 -12.34 -3.33 19.08
C GLU A 127 -13.74 -3.54 18.52
N THR A 128 -14.08 -2.83 17.44
CA THR A 128 -15.43 -2.83 16.89
C THR A 128 -15.34 -2.99 15.38
N GLY A 129 -15.70 -4.18 14.89
CA GLY A 129 -15.79 -4.41 13.47
C GLY A 129 -17.18 -4.09 12.95
N ILE A 130 -17.23 -3.63 11.70
CA ILE A 130 -18.48 -3.26 11.04
C ILE A 130 -18.96 -4.44 10.22
N ARG A 131 -20.14 -4.96 10.55
CA ARG A 131 -20.67 -6.10 9.82
C ARG A 131 -21.38 -5.68 8.54
N SER A 132 -22.28 -4.70 8.63
CA SER A 132 -23.13 -4.35 7.51
C SER A 132 -23.37 -2.85 7.47
N ALA A 133 -23.64 -2.36 6.27
CA ALA A 133 -24.00 -0.95 6.05
C ALA A 133 -25.08 -0.92 4.98
N TYR A 134 -26.29 -0.52 5.36
CA TYR A 134 -27.43 -0.43 4.45
C TYR A 134 -27.83 1.02 4.29
N PHE A 135 -27.98 1.48 3.04
CA PHE A 135 -28.41 2.84 2.79
C PHE A 135 -29.93 2.93 2.89
N ASP A 136 -30.40 3.81 3.77
CA ASP A 136 -31.84 4.10 3.89
C ASP A 136 -32.22 5.02 2.74
N GLU A 137 -32.75 4.45 1.66
CA GLU A 137 -33.11 5.24 0.49
C GLU A 137 -34.24 6.22 0.77
N GLU A 138 -34.99 6.02 1.85
CA GLU A 138 -36.07 6.95 2.20
C GLU A 138 -35.51 8.19 2.91
N ASN A 139 -34.98 8.01 4.12
CA ASN A 139 -34.47 9.14 4.89
C ASN A 139 -33.07 9.55 4.46
N SER A 140 -32.48 8.87 3.48
CA SER A 140 -31.21 9.28 2.86
C SER A 140 -30.05 9.28 3.87
N PHE A 141 -29.94 8.18 4.63
CA PHE A 141 -28.78 7.98 5.50
C PHE A 141 -28.39 6.51 5.44
N TRP A 142 -27.30 6.18 6.14
CA TRP A 142 -26.76 4.83 6.16
C TRP A 142 -27.07 4.17 7.50
N ASN A 143 -27.40 2.88 7.44
CA ASN A 143 -27.61 2.06 8.63
C ASN A 143 -26.41 1.14 8.79
N VAL A 144 -25.57 1.43 9.78
CA VAL A 144 -24.33 0.70 10.01
C VAL A 144 -24.50 -0.17 11.24
N THR A 145 -24.16 -1.45 11.11
CA THR A 145 -24.28 -2.41 12.21
C THR A 145 -22.91 -3.02 12.48
N THR A 146 -22.50 -3.01 13.75
CA THR A 146 -21.23 -3.60 14.15
C THR A 146 -21.36 -5.12 14.23
N GLU A 147 -20.23 -5.78 14.51
CA GLU A 147 -20.26 -7.22 14.74
C GLU A 147 -20.88 -7.59 16.08
N ASN A 148 -21.24 -6.59 16.90
CA ASN A 148 -21.90 -6.82 18.17
C ASN A 148 -23.37 -6.39 18.15
N ASP A 149 -23.97 -6.34 16.96
CA ASP A 149 -25.39 -6.00 16.79
C ASP A 149 -25.73 -4.63 17.35
N GLU A 150 -24.76 -3.72 17.33
CA GLU A 150 -24.98 -2.31 17.66
C GLU A 150 -25.20 -1.54 16.37
N LYS A 151 -26.23 -0.68 16.38
CA LYS A 151 -26.66 0.02 15.17
C LYS A 151 -26.48 1.52 15.35
N PHE A 152 -25.87 2.16 14.35
CA PHE A 152 -25.72 3.61 14.31
C PHE A 152 -26.23 4.12 12.98
N THR A 153 -26.84 5.31 13.01
CA THR A 153 -27.32 5.98 11.80
C THR A 153 -26.46 7.21 11.53
N ALA A 154 -26.17 7.44 10.25
CA ALA A 154 -25.36 8.59 9.87
C ALA A 154 -25.65 8.95 8.43
N ARG A 155 -25.52 10.25 8.13
CA ARG A 155 -25.79 10.73 6.78
C ARG A 155 -24.78 10.16 5.78
N PHE A 156 -23.50 10.26 6.10
CA PHE A 156 -22.43 9.86 5.18
C PHE A 156 -21.62 8.72 5.77
N LEU A 157 -21.10 7.87 4.88
CA LEU A 157 -20.22 6.75 5.24
C LEU A 157 -18.86 6.98 4.61
N ILE A 158 -17.83 7.03 5.43
CA ILE A 158 -16.46 7.20 4.96
C ILE A 158 -15.74 5.88 5.15
N THR A 159 -15.35 5.24 4.04
CA THR A 159 -14.70 3.94 4.07
C THR A 159 -13.21 4.14 3.86
N ALA A 160 -12.43 3.90 4.91
CA ALA A 160 -10.97 3.95 4.85
C ALA A 160 -10.44 2.59 5.33
N LEU A 161 -10.55 1.58 4.47
CA LEU A 161 -10.27 0.20 4.83
C LEU A 161 -8.88 -0.27 4.44
N GLY A 162 -8.18 0.48 3.58
CA GLY A 162 -6.83 0.10 3.20
C GLY A 162 -6.78 -1.17 2.35
N LEU A 163 -5.57 -1.71 2.26
CA LEU A 163 -5.27 -2.89 1.44
C LEU A 163 -4.93 -4.04 2.37
N LEU A 164 -5.96 -4.74 2.85
CA LEU A 164 -5.69 -5.81 3.80
C LEU A 164 -6.82 -6.83 3.83
N ALA A 165 -6.42 -8.10 3.86
CA ALA A 165 -7.26 -9.25 4.22
C ALA A 165 -6.31 -10.42 4.41
N ALA A 166 -5.93 -10.69 5.67
CA ALA A 166 -4.80 -11.53 6.06
C ALA A 166 -4.60 -12.78 5.20
N PRO A 167 -5.66 -13.55 4.88
CA PRO A 167 -5.43 -14.80 4.14
C PRO A 167 -4.99 -14.67 2.69
N ASN A 168 -3.72 -15.00 2.44
CA ASN A 168 -3.32 -15.76 1.27
C ASN A 168 -2.35 -16.83 1.75
N LEU A 169 -2.78 -17.55 2.80
CA LEU A 169 -2.06 -18.72 3.26
C LEU A 169 -1.85 -19.67 2.09
N PRO A 170 -0.65 -20.22 1.92
CA PRO A 170 -0.42 -21.11 0.78
C PRO A 170 -1.29 -22.35 0.87
N LYS A 171 -2.02 -22.62 -0.20
CA LYS A 171 -2.86 -23.81 -0.30
C LYS A 171 -1.94 -24.99 -0.55
N ILE A 172 -1.38 -25.53 0.52
CA ILE A 172 -0.40 -26.61 0.47
C ILE A 172 -0.93 -27.78 1.27
N LYS A 173 -0.85 -28.99 0.71
CA LYS A 173 -1.36 -30.17 1.38
C LYS A 173 -0.64 -30.40 2.70
N GLY A 174 -1.41 -30.53 3.77
CA GLY A 174 -0.85 -30.82 5.08
C GLY A 174 -0.29 -29.63 5.82
N ILE A 175 -0.56 -28.40 5.37
CA ILE A 175 -0.05 -27.23 6.06
C ILE A 175 -0.58 -27.17 7.48
N GLU A 176 -1.74 -27.76 7.74
CA GLU A 176 -2.32 -27.82 9.07
C GLU A 176 -1.68 -28.88 9.95
N THR A 177 -0.77 -29.70 9.42
CA THR A 177 -0.09 -30.72 10.20
C THR A 177 1.24 -30.25 10.77
N PHE A 178 1.74 -29.09 10.34
CA PHE A 178 3.00 -28.58 10.83
C PHE A 178 2.93 -28.29 12.32
N LYS A 179 3.86 -28.85 13.09
CA LYS A 179 3.85 -28.70 14.53
C LYS A 179 4.81 -27.62 15.03
N GLY A 180 5.67 -27.09 14.17
CA GLY A 180 6.53 -25.98 14.53
C GLY A 180 5.79 -24.66 14.48
N GLU A 181 6.55 -23.58 14.56
CA GLU A 181 5.97 -22.25 14.49
C GLU A 181 5.56 -21.94 13.05
N LEU A 182 4.30 -21.53 12.89
CA LEU A 182 3.74 -21.19 11.58
C LEU A 182 3.14 -19.78 11.67
N HIS A 183 3.74 -18.83 10.96
CA HIS A 183 3.33 -17.44 11.05
C HIS A 183 3.15 -16.85 9.67
N HIS A 184 2.00 -16.21 9.45
CA HIS A 184 1.84 -15.31 8.32
C HIS A 184 2.33 -13.92 8.74
N THR A 185 2.98 -13.22 7.81
CA THR A 185 3.62 -11.96 8.15
C THR A 185 2.63 -10.89 8.61
N SER A 186 1.35 -11.02 8.24
CA SER A 186 0.33 -10.09 8.70
C SER A 186 -0.15 -10.39 10.11
N ARG A 187 0.13 -11.58 10.64
CA ARG A 187 -0.21 -11.91 12.01
C ARG A 187 1.04 -12.27 12.78
N TRP A 188 2.07 -11.44 12.68
CA TRP A 188 3.34 -11.73 13.34
C TRP A 188 3.20 -11.56 14.85
N PRO A 189 3.38 -12.61 15.64
CA PRO A 189 3.30 -12.47 17.09
C PRO A 189 4.56 -11.83 17.64
N LYS A 190 4.49 -11.42 18.89
CA LYS A 190 5.67 -10.89 19.54
C LYS A 190 6.45 -12.01 20.23
N ASP A 191 7.67 -11.67 20.65
CA ASP A 191 8.57 -12.59 21.36
C ASP A 191 9.02 -13.75 20.48
N VAL A 192 9.09 -13.55 19.18
CA VAL A 192 9.61 -14.56 18.27
C VAL A 192 11.13 -14.51 18.30
N THR A 193 11.76 -15.63 18.63
CA THR A 193 13.20 -15.76 18.63
C THR A 193 13.64 -16.65 17.47
N PHE A 194 14.85 -16.42 16.97
CA PHE A 194 15.36 -17.12 15.80
C PHE A 194 16.59 -17.96 16.06
N SER A 195 17.27 -17.77 17.19
CA SER A 195 18.55 -18.44 17.41
C SER A 195 18.38 -19.95 17.47
N GLY A 196 19.29 -20.67 16.81
CA GLY A 196 19.29 -22.12 16.82
C GLY A 196 18.18 -22.78 16.06
N LYS A 197 17.40 -22.03 15.29
CA LYS A 197 16.22 -22.56 14.60
C LYS A 197 16.46 -22.64 13.10
N ARG A 198 15.97 -23.71 12.50
CA ARG A 198 15.89 -23.83 11.05
C ARG A 198 14.58 -23.19 10.60
N VAL A 199 14.67 -22.18 9.74
CA VAL A 199 13.54 -21.34 9.39
C VAL A 199 13.33 -21.38 7.89
N GLY A 200 12.07 -21.40 7.48
CA GLY A 200 11.71 -21.33 6.07
C GLY A 200 10.83 -20.12 5.81
N VAL A 201 11.04 -19.50 4.65
CA VAL A 201 10.24 -18.36 4.21
C VAL A 201 9.66 -18.70 2.84
N ILE A 202 8.33 -18.68 2.74
CA ILE A 202 7.63 -18.84 1.47
C ILE A 202 7.21 -17.45 1.00
N GLY A 203 7.72 -17.06 -0.17
CA GLY A 203 7.39 -15.75 -0.72
C GLY A 203 8.58 -14.81 -0.77
N THR A 204 8.82 -14.21 -1.93
CA THR A 204 9.92 -13.28 -2.12
C THR A 204 9.40 -11.96 -2.69
N GLY A 205 8.24 -11.52 -2.23
CA GLY A 205 7.73 -10.21 -2.54
C GLY A 205 8.38 -9.15 -1.68
N SER A 206 7.73 -8.00 -1.60
CA SER A 206 8.26 -6.90 -0.79
C SER A 206 8.39 -7.30 0.66
N THR A 207 7.38 -7.99 1.21
CA THR A 207 7.45 -8.41 2.60
C THR A 207 8.47 -9.51 2.82
N GLY A 208 8.50 -10.50 1.92
CA GLY A 208 9.44 -11.60 2.06
C GLY A 208 10.88 -11.12 2.01
N VAL A 209 11.19 -10.21 1.08
CA VAL A 209 12.53 -9.66 0.99
C VAL A 209 12.92 -8.96 2.29
N GLN A 210 11.99 -8.21 2.88
CA GLN A 210 12.27 -7.53 4.15
C GLN A 210 12.50 -8.53 5.27
N VAL A 211 11.70 -9.60 5.31
CA VAL A 211 11.83 -10.59 6.37
C VAL A 211 13.13 -11.36 6.22
N ILE A 212 13.44 -11.81 4.99
CA ILE A 212 14.63 -12.62 4.76
C ILE A 212 15.89 -11.82 5.10
N THR A 213 15.95 -10.57 4.67
CA THR A 213 17.11 -9.74 4.96
C THR A 213 17.28 -9.51 6.46
N ALA A 214 16.17 -9.47 7.21
CA ALA A 214 16.24 -9.14 8.63
C ALA A 214 16.63 -10.34 9.49
N ILE A 215 16.21 -11.56 9.12
CA ILE A 215 16.37 -12.71 9.99
C ILE A 215 17.49 -13.64 9.58
N ALA A 216 18.08 -13.46 8.40
CA ALA A 216 19.06 -14.42 7.89
C ALA A 216 20.25 -14.58 8.84
N SER A 217 20.73 -13.47 9.40
CA SER A 217 21.88 -13.53 10.30
C SER A 217 21.53 -14.05 11.69
N GLN A 218 20.24 -14.24 11.99
CA GLN A 218 19.81 -14.64 13.32
C GLN A 218 19.45 -16.12 13.43
N VAL A 219 19.16 -16.78 12.32
CA VAL A 219 18.69 -18.15 12.35
C VAL A 219 19.88 -19.11 12.22
N LYS A 220 19.65 -20.36 12.62
CA LYS A 220 20.66 -21.39 12.37
C LYS A 220 20.77 -21.70 10.88
N HIS A 221 19.64 -21.81 10.19
CA HIS A 221 19.62 -22.02 8.76
C HIS A 221 18.32 -21.48 8.20
N LEU A 222 18.41 -20.84 7.03
CA LEU A 222 17.26 -20.25 6.36
C LEU A 222 17.08 -20.92 4.99
N THR A 223 15.86 -21.36 4.71
CA THR A 223 15.49 -21.83 3.38
C THR A 223 14.48 -20.86 2.79
N VAL A 224 14.79 -20.32 1.62
CA VAL A 224 13.91 -19.40 0.91
C VAL A 224 13.22 -20.18 -0.19
N PHE A 225 11.89 -20.25 -0.13
CA PHE A 225 11.08 -20.94 -1.14
C PHE A 225 10.55 -19.88 -2.09
N GLN A 226 11.25 -19.67 -3.21
CA GLN A 226 10.92 -18.63 -4.17
C GLN A 226 10.21 -19.26 -5.37
N ARG A 227 9.00 -18.80 -5.64
CA ARG A 227 8.28 -19.22 -6.85
C ARG A 227 8.53 -18.31 -8.03
N SER A 228 8.83 -17.04 -7.78
CA SER A 228 9.07 -16.08 -8.86
C SER A 228 10.07 -15.05 -8.36
N ALA A 229 11.27 -15.04 -8.94
CA ALA A 229 12.26 -14.04 -8.58
C ALA A 229 11.85 -12.67 -9.12
N GLN A 230 12.08 -11.64 -8.32
CA GLN A 230 11.77 -10.26 -8.70
C GLN A 230 13.03 -9.42 -8.64
N TYR A 231 12.97 -8.25 -9.28
CA TYR A 231 14.07 -7.30 -9.22
C TYR A 231 14.00 -6.52 -7.91
N SER A 232 15.15 -6.37 -7.26
CA SER A 232 15.25 -5.59 -6.04
C SER A 232 16.45 -4.65 -6.14
N VAL A 233 16.26 -3.43 -5.65
CA VAL A 233 17.32 -2.44 -5.64
C VAL A 233 17.61 -2.08 -4.19
N PRO A 234 18.82 -1.62 -3.88
CA PRO A 234 19.10 -1.21 -2.50
C PRO A 234 18.29 0.01 -2.12
N ILE A 235 17.89 0.06 -0.85
CA ILE A 235 17.12 1.19 -0.37
C ILE A 235 18.00 2.30 0.20
N GLY A 236 19.19 1.94 0.69
CA GLY A 236 20.09 2.92 1.27
C GLY A 236 19.51 3.61 2.50
N ASN A 237 19.01 2.83 3.45
CA ASN A 237 18.43 3.36 4.68
C ASN A 237 19.56 3.69 5.65
N VAL A 238 19.83 4.99 5.83
CA VAL A 238 20.92 5.45 6.68
C VAL A 238 20.37 6.42 7.71
N VAL A 239 21.13 6.60 8.80
CA VAL A 239 20.76 7.55 9.83
C VAL A 239 20.80 8.96 9.25
N MET A 240 19.94 9.83 9.77
CA MET A 240 19.86 11.22 9.34
C MET A 240 20.53 12.11 10.36
N SER A 241 21.50 12.90 9.91
CA SER A 241 22.16 13.84 10.80
C SER A 241 21.22 14.98 11.16
N GLU A 242 21.57 15.71 12.23
CA GLU A 242 20.79 16.86 12.62
C GLU A 242 20.73 17.91 11.52
N THR A 243 21.79 18.00 10.70
CA THR A 243 21.79 18.93 9.58
C THR A 243 21.06 18.34 8.37
N ASP A 244 21.03 17.02 8.23
CA ASP A 244 20.15 16.41 7.25
C ASP A 244 18.69 16.74 7.55
N VAL A 245 18.31 16.64 8.83
CA VAL A 245 16.93 16.91 9.23
C VAL A 245 16.64 18.41 9.12
N ALA A 246 17.61 19.25 9.48
CA ALA A 246 17.41 20.69 9.36
C ALA A 246 17.30 21.11 7.89
N LYS A 247 18.02 20.43 6.99
CA LYS A 247 17.89 20.71 5.57
C LYS A 247 16.49 20.38 5.05
N ILE A 248 15.75 19.53 5.77
CA ILE A 248 14.39 19.21 5.38
C ILE A 248 13.38 20.15 6.03
N LYS A 249 13.46 20.29 7.35
CA LYS A 249 12.46 21.08 8.08
C LYS A 249 12.52 22.55 7.72
N GLU A 250 13.68 23.05 7.29
CA GLU A 250 13.79 24.44 6.87
C GLU A 250 13.18 24.68 5.50
N ASN A 251 13.06 23.63 4.67
CA ASN A 251 12.52 23.75 3.32
C ASN A 251 11.27 22.89 3.14
N TYR A 252 10.56 22.60 4.23
CA TYR A 252 9.46 21.65 4.17
C TYR A 252 8.30 22.16 3.32
N ASP A 253 8.08 23.48 3.29
CA ASP A 253 7.00 24.03 2.48
C ASP A 253 7.24 23.78 1.00
N GLN A 254 8.48 23.95 0.54
CA GLN A 254 8.80 23.69 -0.86
C GLN A 254 8.80 22.19 -1.16
N ILE A 255 9.17 21.36 -0.18
CA ILE A 255 9.20 19.92 -0.40
C ILE A 255 7.81 19.39 -0.71
N TRP A 256 6.81 19.84 0.04
CA TRP A 256 5.45 19.37 -0.19
C TRP A 256 4.87 19.93 -1.49
N GLU A 257 5.26 21.16 -1.86
CA GLU A 257 4.79 21.72 -3.13
C GLU A 257 5.30 20.91 -4.31
N ASN A 258 6.50 20.34 -4.19
CA ASN A 258 7.00 19.44 -5.24
C ASN A 258 6.23 18.13 -5.24
N VAL A 259 5.72 17.70 -4.08
CA VAL A 259 4.91 16.49 -4.02
C VAL A 259 3.59 16.70 -4.76
N TRP A 260 2.90 17.81 -4.47
CA TRP A 260 1.65 18.12 -5.14
C TRP A 260 1.85 18.39 -6.63
N ASN A 261 3.06 18.73 -7.05
CA ASN A 261 3.37 19.03 -8.43
C ASN A 261 4.03 17.85 -9.15
N SER A 262 4.00 16.66 -8.57
CA SER A 262 4.67 15.50 -9.12
C SER A 262 3.67 14.40 -9.44
N ALA A 263 4.16 13.37 -10.14
CA ALA A 263 3.34 12.23 -10.49
C ALA A 263 3.33 11.16 -9.41
N LEU A 264 4.46 10.95 -8.74
CA LEU A 264 4.57 9.89 -7.74
C LEU A 264 4.52 10.39 -6.30
N GLY A 265 4.87 11.64 -6.06
CA GLY A 265 4.86 12.16 -4.70
C GLY A 265 5.92 11.57 -3.80
N TYR A 266 7.02 11.06 -4.36
CA TYR A 266 8.08 10.44 -3.58
C TYR A 266 9.29 11.36 -3.40
N GLY A 267 9.15 12.65 -3.73
CA GLY A 267 10.27 13.56 -3.63
C GLY A 267 11.35 13.33 -4.66
N LEU A 268 11.02 12.70 -5.78
CA LEU A 268 12.00 12.37 -6.80
C LEU A 268 12.05 13.45 -7.87
N ASN A 269 13.22 13.56 -8.52
CA ASN A 269 13.37 14.40 -9.71
C ASN A 269 12.94 13.56 -10.91
N GLU A 270 11.62 13.52 -11.12
CA GLU A 270 11.04 12.66 -12.15
C GLU A 270 11.58 13.02 -13.52
N SER A 271 12.21 12.07 -14.18
CA SER A 271 12.92 12.30 -15.43
C SER A 271 11.99 12.20 -16.63
N THR A 272 12.28 13.01 -17.65
CA THR A 272 11.66 12.90 -18.96
C THR A 272 12.64 12.43 -20.02
N LEU A 273 13.87 12.14 -19.63
CA LEU A 273 14.93 11.74 -20.56
C LEU A 273 14.72 10.29 -20.99
N PRO A 274 14.62 10.02 -22.28
CA PRO A 274 14.44 8.63 -22.73
C PRO A 274 15.73 7.82 -22.59
N THR A 275 15.55 6.54 -22.29
CA THR A 275 16.68 5.68 -21.93
C THR A 275 17.67 5.53 -23.08
N MET A 276 17.16 5.29 -24.29
CA MET A 276 18.03 5.00 -25.43
C MET A 276 18.60 6.25 -26.08
N SER A 277 18.33 7.44 -25.55
CA SER A 277 18.83 8.68 -26.13
C SER A 277 20.20 9.08 -25.61
N VAL A 278 20.89 8.19 -24.88
CA VAL A 278 22.22 8.45 -24.38
C VAL A 278 23.10 7.23 -24.69
N SER A 279 24.41 7.43 -24.54
CA SER A 279 25.37 6.36 -24.78
C SER A 279 25.25 5.29 -23.70
N ALA A 280 25.86 4.13 -23.97
CA ALA A 280 25.90 3.07 -22.98
C ALA A 280 26.68 3.50 -21.75
N GLU A 281 27.75 4.28 -21.94
CA GLU A 281 28.50 4.80 -20.82
C GLU A 281 27.66 5.79 -20.01
N GLU A 282 26.89 6.64 -20.69
CA GLU A 282 26.03 7.59 -19.99
C GLU A 282 24.88 6.87 -19.29
N ARG A 283 24.29 5.88 -19.96
CA ARG A 283 23.21 5.10 -19.34
C ARG A 283 23.69 4.39 -18.09
N ASP A 284 24.86 3.76 -18.15
CA ASP A 284 25.39 3.04 -17.00
C ASP A 284 25.66 3.98 -15.83
N LYS A 285 26.12 5.20 -16.12
CA LYS A 285 26.40 6.15 -15.05
C LYS A 285 25.12 6.60 -14.36
N ILE A 286 24.04 6.78 -15.12
CA ILE A 286 22.79 7.25 -14.54
C ILE A 286 22.17 6.15 -13.68
N PHE A 287 22.15 4.91 -14.18
CA PHE A 287 21.63 3.80 -13.39
C PHE A 287 22.45 3.59 -12.12
N GLU A 288 23.78 3.72 -12.22
CA GLU A 288 24.64 3.55 -11.07
C GLU A 288 24.37 4.63 -10.01
N LYS A 289 24.09 5.85 -10.45
CA LYS A 289 23.87 6.94 -9.50
C LYS A 289 22.60 6.73 -8.68
N ALA A 290 21.53 6.26 -9.31
CA ALA A 290 20.31 5.95 -8.57
C ALA A 290 20.50 4.72 -7.70
N TRP A 291 21.19 3.71 -8.21
CA TRP A 291 21.48 2.50 -7.43
C TRP A 291 22.22 2.85 -6.14
N GLN A 292 23.18 3.77 -6.23
CA GLN A 292 23.94 4.16 -5.04
C GLN A 292 23.07 4.97 -4.08
N GLU A 293 22.20 5.83 -4.60
CA GLU A 293 21.33 6.62 -3.74
C GLU A 293 20.23 5.76 -3.14
N GLY A 294 19.70 4.83 -3.91
CA GLY A 294 18.73 3.88 -3.39
C GLY A 294 17.30 4.26 -3.73
N GLY A 295 16.41 3.28 -3.62
CA GLY A 295 15.00 3.48 -3.90
C GLY A 295 14.55 2.82 -5.19
N GLY A 296 13.45 2.07 -5.12
CA GLY A 296 12.96 1.39 -6.31
C GLY A 296 12.38 2.34 -7.33
N LEU A 297 11.58 3.31 -6.87
CA LEU A 297 10.97 4.26 -7.80
C LEU A 297 11.99 5.24 -8.35
N ARG A 298 13.04 5.54 -7.59
CA ARG A 298 14.12 6.38 -8.09
C ARG A 298 14.83 5.71 -9.27
N PHE A 299 15.12 4.41 -9.13
CA PHE A 299 15.81 3.69 -10.20
C PHE A 299 14.97 3.63 -11.47
N MET A 300 13.64 3.71 -11.34
CA MET A 300 12.75 3.56 -12.49
C MET A 300 12.28 4.88 -13.06
N PHE A 301 12.13 5.92 -12.25
CA PHE A 301 11.51 7.16 -12.70
C PHE A 301 12.39 8.40 -12.50
N GLU A 302 13.46 8.32 -11.72
CA GLU A 302 14.42 9.40 -11.65
C GLU A 302 15.55 9.23 -12.64
N THR A 303 15.83 7.99 -13.07
CA THR A 303 16.87 7.76 -14.07
C THR A 303 16.41 8.22 -15.45
N PHE A 304 15.29 7.70 -15.92
CA PHE A 304 14.78 7.98 -17.26
C PHE A 304 13.27 8.07 -17.21
N GLY A 305 12.67 8.42 -18.34
CA GLY A 305 11.25 8.71 -18.37
C GLY A 305 10.37 7.72 -19.09
N ASP A 306 10.97 6.73 -19.75
CA ASP A 306 10.21 5.78 -20.57
C ASP A 306 10.47 4.33 -20.17
N ILE A 307 10.89 4.08 -18.93
CA ILE A 307 11.19 2.72 -18.51
C ILE A 307 9.91 1.89 -18.39
N ALA A 308 8.81 2.51 -17.95
CA ALA A 308 7.53 1.84 -17.85
C ALA A 308 6.68 1.97 -19.12
N VAL A 309 7.27 2.48 -20.21
CA VAL A 309 6.53 2.70 -21.44
C VAL A 309 7.17 1.93 -22.58
N ASP A 310 8.45 2.19 -22.83
CA ASP A 310 9.15 1.60 -23.98
C ASP A 310 9.79 0.27 -23.60
N GLU A 311 9.66 -0.71 -24.49
CA GLU A 311 10.16 -2.05 -24.21
C GLU A 311 11.68 -2.07 -24.17
N THR A 312 12.34 -1.46 -25.16
CA THR A 312 13.80 -1.47 -25.21
C THR A 312 14.40 -0.77 -23.98
N ALA A 313 13.73 0.25 -23.47
CA ALA A 313 14.19 0.91 -22.24
C ALA A 313 14.03 -0.01 -21.04
N ASN A 314 12.91 -0.73 -20.96
CA ASN A 314 12.67 -1.62 -19.83
C ASN A 314 13.72 -2.72 -19.75
N ILE A 315 14.14 -3.24 -20.90
CA ILE A 315 15.14 -4.31 -20.93
C ILE A 315 16.49 -3.79 -20.43
N GLU A 316 16.81 -2.53 -20.75
CA GLU A 316 18.07 -1.95 -20.26
C GLU A 316 18.06 -1.83 -18.74
N ALA A 317 16.93 -1.44 -18.16
CA ALA A 317 16.83 -1.39 -16.70
C ALA A 317 16.95 -2.78 -16.09
N GLN A 318 16.40 -3.79 -16.76
CA GLN A 318 16.53 -5.17 -16.28
C GLN A 318 17.98 -5.60 -16.29
N ASN A 319 18.68 -5.37 -17.40
CA ASN A 319 20.05 -5.86 -17.53
C ASN A 319 20.99 -5.26 -16.50
N PHE A 320 20.74 -4.00 -16.09
CA PHE A 320 21.59 -3.39 -15.07
C PHE A 320 21.42 -4.09 -13.73
N ILE A 321 20.19 -4.43 -13.37
CA ILE A 321 19.95 -5.12 -12.10
C ILE A 321 20.44 -6.55 -12.18
N LYS A 322 20.29 -7.20 -13.35
CA LYS A 322 20.82 -8.55 -13.52
C LYS A 322 22.33 -8.56 -13.38
N LYS A 323 23.01 -7.54 -13.93
CA LYS A 323 24.45 -7.43 -13.76
C LYS A 323 24.82 -7.23 -12.29
N LYS A 324 23.98 -6.50 -11.55
CA LYS A 324 24.23 -6.31 -10.12
C LYS A 324 24.06 -7.61 -9.35
N ILE A 325 23.05 -8.41 -9.71
CA ILE A 325 22.85 -9.70 -9.05
C ILE A 325 24.05 -10.61 -9.28
N SER A 326 24.55 -10.65 -10.52
CA SER A 326 25.69 -11.50 -10.83
C SER A 326 26.98 -11.02 -10.16
N GLU A 327 27.05 -9.75 -9.79
CA GLU A 327 28.25 -9.24 -9.09
C GLU A 327 28.17 -9.50 -7.60
N ILE A 328 27.00 -9.34 -7.00
CA ILE A 328 26.85 -9.50 -5.56
C ILE A 328 26.85 -10.98 -5.19
N VAL A 329 26.01 -11.77 -5.84
CA VAL A 329 25.91 -13.20 -5.56
C VAL A 329 27.09 -13.90 -6.26
N LYS A 330 28.04 -14.39 -5.46
CA LYS A 330 29.27 -14.92 -6.03
C LYS A 330 29.07 -16.27 -6.71
N ASP A 331 28.18 -17.10 -6.19
CA ASP A 331 27.86 -18.35 -6.86
C ASP A 331 27.03 -18.06 -8.09
N PRO A 332 27.53 -18.32 -9.31
CA PRO A 332 26.75 -17.96 -10.50
C PRO A 332 25.47 -18.75 -10.65
N PHE A 333 25.38 -19.93 -10.05
CA PHE A 333 24.16 -20.72 -10.16
C PHE A 333 23.09 -20.22 -9.19
N VAL A 334 23.49 -19.76 -8.02
CA VAL A 334 22.54 -19.09 -7.12
C VAL A 334 22.10 -17.77 -7.73
N ALA A 335 23.04 -17.01 -8.30
CA ALA A 335 22.68 -15.75 -8.94
C ALA A 335 21.71 -15.97 -10.09
N LYS A 336 21.86 -17.08 -10.81
CA LYS A 336 20.94 -17.41 -11.89
C LYS A 336 19.53 -17.67 -11.35
N LYS A 337 19.42 -18.38 -10.22
CA LYS A 337 18.12 -18.63 -9.62
C LYS A 337 17.48 -17.33 -9.14
N LEU A 338 18.28 -16.36 -8.72
CA LEU A 338 17.76 -15.08 -8.25
C LEU A 338 17.40 -14.13 -9.38
N THR A 339 17.80 -14.42 -10.61
CA THR A 339 17.56 -13.53 -11.74
C THR A 339 16.17 -13.78 -12.31
N PRO A 340 15.34 -12.74 -12.45
CA PRO A 340 14.00 -12.94 -13.02
C PRO A 340 14.07 -13.35 -14.49
N THR A 341 13.11 -14.19 -14.89
CA THR A 341 13.05 -14.69 -16.26
C THR A 341 12.00 -13.96 -17.11
N ASP A 342 11.08 -13.23 -16.50
CA ASP A 342 10.04 -12.55 -17.27
C ASP A 342 10.67 -11.53 -18.22
N LEU A 343 10.03 -11.32 -19.37
CA LEU A 343 10.64 -10.49 -20.41
C LEU A 343 10.60 -9.01 -20.03
N TYR A 344 9.53 -8.57 -19.37
CA TYR A 344 9.33 -7.17 -19.02
C TYR A 344 8.98 -7.04 -17.55
N ALA A 345 9.55 -6.03 -16.90
CA ALA A 345 9.41 -5.84 -15.47
C ALA A 345 8.62 -4.58 -15.15
N CYS A 346 8.11 -4.53 -13.92
CA CYS A 346 7.35 -3.39 -13.41
C CYS A 346 8.17 -2.75 -12.28
N ARG A 347 7.57 -2.42 -11.14
CA ARG A 347 8.32 -1.71 -10.11
C ARG A 347 9.20 -2.67 -9.33
N PRO A 348 10.47 -2.34 -9.08
CA PRO A 348 11.33 -3.23 -8.31
C PRO A 348 10.99 -3.17 -6.83
N LEU A 349 11.56 -4.12 -6.10
CA LEU A 349 11.48 -4.10 -4.65
C LEU A 349 12.65 -3.32 -4.07
N CYS A 350 12.54 -2.94 -2.81
CA CYS A 350 13.61 -2.27 -2.09
C CYS A 350 14.10 -3.19 -0.97
N ASP A 351 15.41 -3.19 -0.76
CA ASP A 351 16.01 -4.08 0.22
C ASP A 351 17.20 -3.40 0.90
N SER A 352 17.56 -3.93 2.06
CA SER A 352 18.70 -3.47 2.83
C SER A 352 19.77 -4.55 2.91
N GLY A 353 20.00 -5.24 1.81
CA GLY A 353 21.00 -6.30 1.76
C GLY A 353 20.45 -7.67 1.44
N TYR A 354 19.52 -7.73 0.49
CA TYR A 354 18.83 -9.00 0.19
C TYR A 354 19.72 -9.94 -0.59
N TYR A 355 20.37 -9.46 -1.66
CA TYR A 355 21.18 -10.34 -2.50
C TYR A 355 22.44 -10.78 -1.78
N GLU A 356 22.97 -9.95 -0.87
CA GLU A 356 24.12 -10.35 -0.09
C GLU A 356 23.81 -11.54 0.82
N ILE A 357 22.53 -11.71 1.18
CA ILE A 357 22.14 -12.78 2.10
C ILE A 357 22.52 -14.14 1.53
N PHE A 358 22.35 -14.32 0.23
CA PHE A 358 22.49 -15.64 -0.39
C PHE A 358 23.95 -16.06 -0.57
N ASN A 359 24.90 -15.23 -0.16
CA ASN A 359 26.29 -15.66 -0.06
C ASN A 359 26.61 -16.36 1.25
N ARG A 360 25.67 -16.35 2.20
CA ARG A 360 25.91 -16.92 3.51
C ARG A 360 25.84 -18.44 3.46
N ASP A 361 26.64 -19.09 4.31
CA ASP A 361 26.68 -20.54 4.36
C ASP A 361 25.39 -21.15 4.90
N ASN A 362 24.59 -20.38 5.64
CA ASN A 362 23.38 -20.88 6.29
C ASN A 362 22.11 -20.50 5.55
N VAL A 363 22.20 -20.20 4.25
CA VAL A 363 21.05 -19.79 3.45
C VAL A 363 20.96 -20.68 2.23
N SER A 364 19.80 -21.31 2.04
CA SER A 364 19.53 -22.16 0.88
C SER A 364 18.35 -21.58 0.11
N LEU A 365 18.52 -21.44 -1.20
CA LEU A 365 17.47 -20.92 -2.07
C LEU A 365 16.85 -22.07 -2.86
N GLU A 366 15.53 -22.16 -2.83
CA GLU A 366 14.79 -23.22 -3.50
C GLU A 366 13.87 -22.61 -4.55
N ASP A 367 14.09 -22.99 -5.81
CA ASP A 367 13.20 -22.60 -6.90
C ASP A 367 11.99 -23.53 -6.86
N VAL A 368 10.88 -23.06 -6.29
CA VAL A 368 9.70 -23.91 -6.14
C VAL A 368 8.78 -23.74 -7.34
N LYS A 369 9.33 -23.25 -8.44
CA LYS A 369 8.63 -23.30 -9.71
C LYS A 369 9.14 -24.51 -10.50
N ALA A 370 10.46 -24.69 -10.51
CA ALA A 370 11.04 -25.91 -11.07
C ALA A 370 10.92 -27.08 -10.10
N ASN A 371 10.78 -26.81 -8.81
CA ASN A 371 10.74 -27.83 -7.76
C ASN A 371 9.65 -27.46 -6.76
N PRO A 372 8.38 -27.62 -7.14
CA PRO A 372 7.29 -27.08 -6.32
C PRO A 372 7.15 -27.81 -4.99
N ILE A 373 6.54 -27.10 -4.04
CA ILE A 373 6.16 -27.69 -2.76
C ILE A 373 4.92 -28.54 -2.97
N VAL A 374 4.99 -29.80 -2.54
CA VAL A 374 3.88 -30.73 -2.74
C VAL A 374 3.19 -31.11 -1.43
N GLU A 375 3.83 -30.91 -0.28
CA GLU A 375 3.24 -31.33 0.98
C GLU A 375 3.99 -30.66 2.12
N ILE A 376 3.28 -30.46 3.24
CA ILE A 376 3.86 -30.03 4.49
C ILE A 376 3.53 -31.08 5.54
N LYS A 377 4.56 -31.59 6.22
CA LYS A 377 4.39 -32.59 7.26
C LYS A 377 4.62 -31.95 8.62
N GLU A 378 4.65 -32.77 9.66
CA GLU A 378 4.71 -32.26 11.03
C GLU A 378 6.02 -31.53 11.31
N ASP A 379 7.08 -31.80 10.56
CA ASP A 379 8.37 -31.19 10.86
C ASP A 379 9.13 -30.72 9.61
N CYS A 380 8.47 -30.63 8.45
CA CYS A 380 9.24 -30.36 7.24
C CYS A 380 8.34 -29.80 6.15
N VAL A 381 8.99 -29.21 5.15
CA VAL A 381 8.39 -28.88 3.87
C VAL A 381 9.05 -29.79 2.83
N VAL A 382 8.26 -30.58 2.12
CA VAL A 382 8.78 -31.52 1.12
C VAL A 382 8.42 -31.00 -0.26
N THR A 383 9.43 -30.94 -1.13
CA THR A 383 9.26 -30.48 -2.50
C THR A 383 9.02 -31.67 -3.43
N ALA A 384 8.82 -31.37 -4.72
CA ALA A 384 8.47 -32.42 -5.68
C ALA A 384 9.57 -33.45 -5.84
N ASP A 385 10.83 -33.06 -5.61
CA ASP A 385 11.94 -34.00 -5.71
C ASP A 385 12.01 -34.95 -4.53
N GLY A 386 11.11 -34.84 -3.56
CA GLY A 386 11.09 -35.73 -2.42
C GLY A 386 11.93 -35.28 -1.24
N VAL A 387 12.69 -34.19 -1.38
CA VAL A 387 13.55 -33.74 -0.29
C VAL A 387 12.69 -33.14 0.81
N GLU A 388 12.94 -33.55 2.05
CA GLU A 388 12.23 -33.03 3.22
C GLU A 388 13.07 -31.91 3.81
N HIS A 389 12.57 -30.68 3.75
CA HIS A 389 13.25 -29.52 4.32
C HIS A 389 12.79 -29.35 5.76
N LYS A 390 13.62 -29.81 6.70
CA LYS A 390 13.24 -29.78 8.11
C LYS A 390 13.26 -28.36 8.65
N LEU A 391 12.16 -27.95 9.28
CA LEU A 391 12.00 -26.58 9.75
C LEU A 391 11.45 -26.55 11.16
N ASP A 392 11.99 -25.65 11.98
CA ASP A 392 11.39 -25.32 13.26
C ASP A 392 10.37 -24.20 13.14
N MET A 393 10.45 -23.40 12.06
CA MET A 393 9.61 -22.24 11.88
C MET A 393 9.35 -22.04 10.39
N LEU A 394 8.10 -21.77 10.04
CA LEU A 394 7.71 -21.53 8.66
C LEU A 394 7.00 -20.20 8.57
N ILE A 395 7.59 -19.25 7.83
CA ILE A 395 7.04 -17.92 7.66
C ILE A 395 6.36 -17.84 6.30
N CYS A 396 5.10 -17.42 6.30
CA CYS A 396 4.33 -17.27 5.07
C CYS A 396 4.24 -15.78 4.74
N ALA A 397 5.13 -15.32 3.88
CA ALA A 397 5.06 -13.98 3.30
C ALA A 397 4.39 -14.03 1.94
N THR A 398 3.20 -14.61 1.91
CA THR A 398 2.54 -15.00 0.66
C THR A 398 1.48 -14.01 0.21
N GLY A 399 1.45 -12.82 0.78
CA GLY A 399 0.55 -11.79 0.29
C GLY A 399 -0.86 -11.93 0.82
N PHE A 400 -1.77 -11.22 0.15
CA PHE A 400 -3.17 -11.15 0.57
C PHE A 400 -4.06 -11.18 -0.67
N ASP A 401 -5.35 -10.93 -0.47
CA ASP A 401 -6.28 -10.81 -1.57
C ASP A 401 -6.22 -9.40 -2.16
N ALA A 402 -7.09 -9.14 -3.12
CA ALA A 402 -6.99 -7.92 -3.91
C ALA A 402 -7.52 -6.71 -3.15
N VAL A 403 -7.55 -5.57 -3.83
CA VAL A 403 -7.98 -4.31 -3.22
C VAL A 403 -9.41 -4.42 -2.70
N ASP A 404 -10.33 -4.79 -3.58
CA ASP A 404 -11.74 -4.89 -3.23
C ASP A 404 -12.00 -5.82 -2.06
N GLY A 405 -11.06 -6.72 -1.74
CA GLY A 405 -11.30 -7.70 -0.70
C GLY A 405 -11.73 -7.09 0.62
N SER A 406 -11.19 -5.92 0.95
CA SER A 406 -11.63 -5.23 2.16
C SER A 406 -13.07 -4.76 2.04
N TYR A 407 -13.52 -4.42 0.83
CA TYR A 407 -14.87 -3.91 0.66
C TYR A 407 -15.90 -5.04 0.56
N LYS A 408 -15.58 -6.11 -0.17
CA LYS A 408 -16.52 -7.22 -0.26
C LYS A 408 -16.64 -8.01 1.04
N ARG A 409 -15.73 -7.80 1.99
CA ARG A 409 -15.81 -8.48 3.28
C ARG A 409 -16.76 -7.78 4.26
N ILE A 410 -17.30 -6.63 3.88
CA ILE A 410 -18.36 -5.97 4.65
C ILE A 410 -19.63 -6.01 3.81
N ASP A 411 -20.76 -6.24 4.47
CA ASP A 411 -22.05 -6.32 3.78
C ASP A 411 -22.56 -4.90 3.55
N ILE A 412 -22.15 -4.31 2.44
CA ILE A 412 -22.56 -2.96 2.05
C ILE A 412 -23.62 -3.09 0.96
N ARG A 413 -24.82 -2.58 1.24
CA ARG A 413 -25.93 -2.58 0.29
C ARG A 413 -26.40 -1.15 0.08
N GLY A 414 -26.50 -0.75 -1.18
CA GLY A 414 -26.89 0.61 -1.51
C GLY A 414 -28.30 0.73 -2.05
N LYS A 415 -28.44 1.11 -3.31
CA LYS A 415 -29.75 1.33 -3.92
C LYS A 415 -30.37 0.02 -4.34
N ASP A 416 -31.68 -0.13 -4.04
CA ASP A 416 -32.42 -1.36 -4.29
C ASP A 416 -31.76 -2.56 -3.62
N GLY A 417 -31.07 -2.32 -2.50
CA GLY A 417 -30.42 -3.38 -1.76
C GLY A 417 -29.30 -4.09 -2.49
N ILE A 418 -28.78 -3.53 -3.57
CA ILE A 418 -27.68 -4.18 -4.28
C ILE A 418 -26.42 -4.14 -3.44
N SER A 419 -25.70 -5.25 -3.39
CA SER A 419 -24.55 -5.38 -2.51
C SER A 419 -23.27 -4.99 -3.22
N ILE A 420 -22.28 -4.58 -2.44
CA ILE A 420 -20.99 -4.19 -3.02
C ILE A 420 -20.27 -5.40 -3.61
N LYS A 421 -20.57 -6.60 -3.11
CA LYS A 421 -19.98 -7.80 -3.70
C LYS A 421 -20.55 -8.06 -5.09
N ASP A 422 -21.87 -7.87 -5.26
CA ASP A 422 -22.50 -8.13 -6.55
C ASP A 422 -22.07 -7.10 -7.59
N HIS A 423 -22.10 -5.82 -7.22
CA HIS A 423 -21.77 -4.76 -8.19
C HIS A 423 -20.32 -4.82 -8.63
N TRP A 424 -19.44 -5.39 -7.80
CA TRP A 424 -18.02 -5.49 -8.13
C TRP A 424 -17.63 -6.94 -8.47
N LYS A 425 -18.58 -7.73 -8.95
CA LYS A 425 -18.26 -9.10 -9.34
C LYS A 425 -17.33 -9.15 -10.54
N ASP A 426 -17.44 -8.18 -11.43
CA ASP A 426 -16.56 -8.08 -12.60
C ASP A 426 -15.44 -7.07 -12.35
N GLY A 427 -14.75 -7.23 -11.23
CA GLY A 427 -13.71 -6.30 -10.85
C GLY A 427 -14.28 -5.02 -10.27
N PRO A 428 -13.42 -4.21 -9.68
CA PRO A 428 -13.88 -2.95 -9.09
C PRO A 428 -14.01 -1.84 -10.12
N ASN A 429 -14.90 -0.90 -9.80
CA ASN A 429 -15.05 0.31 -10.59
C ASN A 429 -15.57 1.42 -9.69
N SER A 430 -15.30 2.65 -10.07
CA SER A 430 -15.65 3.80 -9.23
C SER A 430 -15.54 5.07 -10.05
N TYR A 431 -15.89 6.19 -9.42
CA TYR A 431 -15.75 7.52 -9.99
C TYR A 431 -14.70 8.27 -9.18
N LEU A 432 -13.59 8.62 -9.82
CA LEU A 432 -12.46 9.30 -9.19
C LEU A 432 -11.88 8.50 -8.02
N GLY A 433 -12.09 7.19 -8.02
CA GLY A 433 -11.60 6.36 -6.93
C GLY A 433 -12.24 6.63 -5.58
N MET A 434 -13.38 7.31 -5.55
CA MET A 434 -13.99 7.74 -4.30
C MET A 434 -15.48 7.46 -4.21
N MET A 435 -16.15 7.14 -5.31
CA MET A 435 -17.60 6.98 -5.30
C MET A 435 -18.00 5.88 -6.28
N VAL A 436 -19.04 5.13 -5.92
CA VAL A 436 -19.48 3.97 -6.69
C VAL A 436 -20.98 4.08 -6.93
N SER A 437 -21.44 3.41 -7.98
CA SER A 437 -22.88 3.29 -8.20
C SER A 437 -23.56 2.59 -7.01
N ASN A 438 -22.79 2.22 -6.00
CA ASN A 438 -23.30 1.71 -4.74
C ASN A 438 -23.27 2.75 -3.63
N PHE A 439 -22.83 3.99 -3.91
CA PHE A 439 -22.34 4.80 -2.80
C PHE A 439 -23.25 5.83 -2.15
N PRO A 440 -24.53 6.08 -2.60
CA PRO A 440 -25.22 7.31 -2.18
C PRO A 440 -24.92 7.75 -0.75
N ASN A 441 -23.96 8.68 -0.64
CA ASN A 441 -23.39 9.22 0.60
C ASN A 441 -22.31 8.33 1.20
N MET A 442 -21.56 7.59 0.37
CA MET A 442 -20.44 6.77 0.83
C MET A 442 -19.20 7.12 0.04
N PHE A 443 -18.17 7.60 0.74
CA PHE A 443 -16.97 8.09 0.09
C PHE A 443 -15.79 7.21 0.47
N MET A 444 -15.00 6.82 -0.54
CA MET A 444 -13.92 5.88 -0.38
C MET A 444 -12.60 6.64 -0.25
N VAL A 445 -11.85 6.36 0.82
CA VAL A 445 -10.52 6.93 1.03
C VAL A 445 -9.52 5.84 0.70
N PHE A 446 -8.60 6.14 -0.22
CA PHE A 446 -7.62 5.18 -0.72
C PHE A 446 -8.30 3.92 -1.24
N GLY A 447 -9.46 4.10 -1.88
CA GLY A 447 -10.20 3.00 -2.44
C GLY A 447 -9.69 2.62 -3.81
N PRO A 448 -10.31 1.58 -4.37
CA PRO A 448 -9.90 1.11 -5.71
C PRO A 448 -10.02 2.21 -6.75
N ASN A 449 -9.30 2.00 -7.86
CA ASN A 449 -9.32 2.93 -9.01
C ASN A 449 -8.75 4.29 -8.63
N GLY A 450 -7.86 4.34 -7.64
CA GLY A 450 -7.19 5.56 -7.27
C GLY A 450 -5.85 5.70 -7.98
N PRO A 451 -5.11 6.74 -7.68
CA PRO A 451 -3.82 6.96 -8.32
C PRO A 451 -2.74 6.05 -7.75
N LEU A 452 -1.64 5.93 -8.49
CA LEU A 452 -0.48 5.14 -8.11
C LEU A 452 0.62 6.11 -7.69
N ALA A 453 0.66 6.46 -6.41
CA ALA A 453 1.62 7.41 -5.90
C ALA A 453 1.83 7.14 -4.42
N ASN A 454 2.55 8.05 -3.76
CA ASN A 454 2.74 7.97 -2.31
C ASN A 454 1.39 8.03 -1.60
N SER A 455 1.15 7.09 -0.69
CA SER A 455 -0.19 6.94 -0.13
C SER A 455 -0.62 8.14 0.71
N PRO A 456 0.17 8.64 1.67
CA PRO A 456 -0.31 9.76 2.50
C PRO A 456 -0.66 11.00 1.68
N PRO A 457 0.10 11.34 0.63
CA PRO A 457 -0.38 12.42 -0.26
C PRO A 457 -1.71 12.12 -0.91
N ILE A 458 -1.92 10.87 -1.37
CA ILE A 458 -3.20 10.50 -1.98
C ILE A 458 -4.32 10.61 -0.95
N ILE A 459 -4.05 10.16 0.28
CA ILE A 459 -5.09 10.15 1.30
C ILE A 459 -5.50 11.58 1.67
N GLU A 460 -4.52 12.48 1.80
CA GLU A 460 -4.84 13.87 2.06
C GLU A 460 -5.64 14.49 0.92
N THR A 461 -5.31 14.12 -0.32
CA THR A 461 -6.01 14.69 -1.47
C THR A 461 -7.48 14.28 -1.49
N GLN A 462 -7.78 13.03 -1.13
CA GLN A 462 -9.15 12.55 -1.18
C GLN A 462 -9.96 13.00 0.02
N VAL A 463 -9.33 13.05 1.20
CA VAL A 463 -10.06 13.47 2.40
C VAL A 463 -10.45 14.94 2.30
N ARG A 464 -9.57 15.78 1.76
CA ARG A 464 -9.91 17.18 1.57
C ARG A 464 -10.95 17.36 0.48
N TRP A 465 -10.90 16.52 -0.57
CA TRP A 465 -11.90 16.63 -1.63
C TRP A 465 -13.26 16.11 -1.18
N ILE A 466 -13.27 15.06 -0.35
CA ILE A 466 -14.53 14.49 0.12
C ILE A 466 -15.21 15.46 1.08
N ALA A 467 -14.46 16.05 1.99
CA ALA A 467 -15.03 17.00 2.94
C ALA A 467 -15.51 18.27 2.24
N ASP A 468 -14.87 18.65 1.13
CA ASP A 468 -15.35 19.79 0.37
C ASP A 468 -16.73 19.53 -0.21
N LEU A 469 -16.96 18.33 -0.73
CA LEU A 469 -18.26 18.00 -1.29
C LEU A 469 -19.31 17.88 -0.19
N ILE A 470 -18.92 17.33 0.97
CA ILE A 470 -19.86 17.24 2.08
C ILE A 470 -20.21 18.64 2.60
N GLY A 471 -19.22 19.52 2.69
CA GLY A 471 -19.50 20.91 3.01
C GLY A 471 -20.34 21.58 1.95
N TYR A 472 -20.11 21.22 0.68
CA TYR A 472 -20.95 21.68 -0.42
C TYR A 472 -22.36 21.11 -0.35
N ALA A 473 -22.61 20.16 0.56
CA ALA A 473 -23.94 19.61 0.82
C ALA A 473 -24.62 20.23 2.03
N GLU A 474 -23.86 20.61 3.07
CA GLU A 474 -24.46 21.19 4.27
C GLU A 474 -24.99 22.60 4.04
N ASP A 475 -24.34 23.38 3.18
CA ASP A 475 -24.75 24.76 2.91
C ASP A 475 -25.93 24.80 1.93
N HIS A 476 -26.01 23.84 1.02
CA HIS A 476 -27.08 23.80 0.03
C HIS A 476 -28.22 22.85 0.42
N GLN A 477 -28.20 22.31 1.63
CA GLN A 477 -29.27 21.46 2.15
C GLN A 477 -29.55 20.28 1.22
N ILE A 478 -28.49 19.61 0.79
CA ILE A 478 -28.59 18.39 0.00
C ILE A 478 -28.25 17.22 0.90
N ASN A 479 -28.88 16.06 0.64
CA ASN A 479 -28.71 14.91 1.51
C ASN A 479 -28.52 13.60 0.75
N GLN A 480 -28.15 13.66 -0.53
CA GLN A 480 -27.92 12.44 -1.30
C GLN A 480 -27.09 12.80 -2.53
N ILE A 481 -25.80 12.48 -2.48
CA ILE A 481 -24.90 12.58 -3.64
C ILE A 481 -24.70 11.18 -4.20
N GLU A 482 -24.91 11.03 -5.51
CA GLU A 482 -24.68 9.76 -6.19
C GLU A 482 -23.91 10.02 -7.47
N ALA A 483 -23.34 8.96 -8.03
CA ALA A 483 -22.52 9.01 -9.23
C ALA A 483 -23.17 8.19 -10.34
N THR A 484 -23.27 8.77 -11.53
CA THR A 484 -23.87 8.07 -12.66
C THR A 484 -23.03 6.88 -13.08
N LYS A 485 -23.69 5.91 -13.71
CA LYS A 485 -22.95 4.83 -14.37
C LYS A 485 -22.12 5.39 -15.53
N ASP A 486 -22.58 6.48 -16.14
CA ASP A 486 -21.81 7.14 -17.19
C ASP A 486 -20.50 7.70 -16.63
N ALA A 487 -20.58 8.36 -15.48
CA ALA A 487 -19.37 8.92 -14.88
C ALA A 487 -18.41 7.83 -14.44
N VAL A 488 -18.93 6.76 -13.85
CA VAL A 488 -18.07 5.64 -13.45
C VAL A 488 -17.43 5.00 -14.68
N ASP A 489 -18.20 4.83 -15.75
CA ASP A 489 -17.64 4.27 -16.98
C ASP A 489 -16.75 5.29 -17.71
N ASN A 490 -16.91 6.58 -17.42
CA ASN A 490 -15.97 7.56 -17.96
C ASN A 490 -14.64 7.50 -17.22
N TRP A 491 -14.68 7.33 -15.89
CA TRP A 491 -13.45 7.14 -15.13
C TRP A 491 -12.74 5.86 -15.54
N THR A 492 -13.51 4.81 -15.87
CA THR A 492 -12.90 3.57 -16.35
C THR A 492 -12.21 3.78 -17.68
N ASN A 493 -12.78 4.61 -18.55
CA ASN A 493 -12.17 4.86 -19.86
C ASN A 493 -10.92 5.72 -19.72
N THR A 494 -10.95 6.71 -18.84
CA THR A 494 -9.75 7.51 -18.57
C THR A 494 -8.59 6.63 -18.12
N CYS A 495 -8.82 5.85 -17.07
CA CYS A 495 -7.76 4.97 -16.56
C CYS A 495 -7.32 3.96 -17.62
N SER A 496 -8.27 3.36 -18.34
CA SER A 496 -7.92 2.40 -19.38
C SER A 496 -7.15 3.06 -20.52
N ASP A 497 -7.40 4.35 -20.77
CA ASP A 497 -6.66 5.05 -21.81
C ASP A 497 -5.19 5.19 -21.43
N ILE A 498 -4.92 5.62 -20.19
CA ILE A 498 -3.54 5.83 -19.76
C ILE A 498 -2.85 4.50 -19.50
N ALA A 499 -3.59 3.52 -18.99
CA ALA A 499 -2.98 2.25 -18.60
C ALA A 499 -2.40 1.53 -19.81
N ASN A 500 -3.10 1.55 -20.93
CA ASN A 500 -2.65 0.84 -22.13
C ASN A 500 -1.53 1.56 -22.86
N LYS A 501 -1.18 2.79 -22.44
CA LYS A 501 0.00 3.45 -22.98
C LYS A 501 1.29 2.88 -22.40
N THR A 502 1.21 2.10 -21.33
CA THR A 502 2.38 1.67 -20.58
C THR A 502 2.62 0.17 -20.75
N LEU A 503 3.85 -0.24 -20.47
CA LEU A 503 4.18 -1.66 -20.41
C LEU A 503 3.49 -2.36 -19.25
N PHE A 504 2.94 -1.60 -18.30
CA PHE A 504 2.30 -2.16 -17.12
C PHE A 504 0.96 -2.80 -17.41
N ALA A 505 0.51 -2.79 -18.67
CA ALA A 505 -0.71 -3.49 -19.05
C ALA A 505 -0.51 -4.99 -18.93
N LYS A 506 -0.09 -5.63 -20.01
CA LYS A 506 0.25 -7.06 -19.97
C LYS A 506 1.74 -7.25 -20.17
N VAL A 523 -8.58 -2.39 -14.86
CA VAL A 523 -8.54 -0.94 -14.76
C VAL A 523 -8.40 -0.54 -13.30
N TYR A 524 -7.72 -1.40 -12.53
CA TYR A 524 -7.65 -1.26 -11.08
C TYR A 524 -7.12 0.08 -10.61
N LEU A 525 -6.39 0.82 -11.44
CA LEU A 525 -5.67 1.97 -10.96
C LEU A 525 -5.60 3.07 -12.01
N TYR A 526 -5.67 4.32 -11.56
CA TYR A 526 -5.37 5.48 -12.38
C TYR A 526 -3.86 5.71 -12.37
N MET A 527 -3.24 5.71 -13.55
CA MET A 527 -1.79 5.79 -13.68
C MET A 527 -1.33 7.10 -14.31
N GLY A 528 -2.08 8.18 -14.11
CA GLY A 528 -1.72 9.48 -14.62
C GLY A 528 -0.90 10.33 -13.70
N GLY A 529 -0.66 9.90 -12.47
CA GLY A 529 0.13 10.64 -11.52
C GLY A 529 -0.72 11.38 -10.50
N LEU A 530 -0.05 11.86 -9.45
CA LEU A 530 -0.75 12.57 -8.38
C LEU A 530 -1.18 13.96 -8.83
N LYS A 531 -0.34 14.64 -9.62
CA LYS A 531 -0.67 15.99 -10.07
C LYS A 531 -1.87 15.99 -11.00
N GLU A 532 -1.84 15.14 -12.03
CA GLU A 532 -2.97 15.08 -12.95
C GLU A 532 -4.24 14.59 -12.27
N TYR A 533 -4.10 13.67 -11.32
CA TYR A 533 -5.26 13.20 -10.57
C TYR A 533 -5.91 14.34 -9.79
N ARG A 534 -5.10 15.23 -9.22
CA ARG A 534 -5.64 16.40 -8.54
C ARG A 534 -6.30 17.37 -9.51
N ASN A 535 -5.94 17.32 -10.80
CA ASN A 535 -6.60 18.15 -11.79
C ASN A 535 -7.90 17.51 -12.27
N GLN A 536 -7.92 16.18 -12.43
CA GLN A 536 -9.14 15.49 -12.81
C GLN A 536 -10.28 15.78 -11.85
N ILE A 537 -10.00 15.67 -10.55
CA ILE A 537 -11.02 15.90 -9.55
C ILE A 537 -11.29 17.37 -9.29
N SER A 538 -10.35 18.26 -9.65
CA SER A 538 -10.60 19.68 -9.49
C SER A 538 -11.57 20.19 -10.55
N GLU A 539 -11.48 19.66 -11.77
CA GLU A 539 -12.45 19.99 -12.81
C GLU A 539 -13.85 19.55 -12.42
N VAL A 540 -13.97 18.54 -11.56
CA VAL A 540 -15.28 18.12 -11.07
C VAL A 540 -15.77 19.07 -9.97
N SER A 541 -14.92 19.35 -8.99
CA SER A 541 -15.30 20.25 -7.90
C SER A 541 -15.59 21.65 -8.41
N ASN A 542 -15.00 22.04 -9.54
CA ASN A 542 -15.27 23.35 -10.11
C ASN A 542 -16.57 23.36 -10.90
N ASN A 543 -16.76 22.36 -11.77
CA ASN A 543 -17.95 22.29 -12.61
C ASN A 543 -19.15 21.76 -11.82
N ASN A 544 -19.29 22.19 -10.57
CA ASN A 544 -20.44 21.85 -9.73
C ASN A 544 -20.65 20.34 -9.67
N TYR A 545 -19.55 19.59 -9.59
CA TYR A 545 -19.58 18.14 -9.40
C TYR A 545 -20.36 17.45 -10.52
N LYS A 546 -19.89 17.68 -11.75
CA LYS A 546 -20.48 17.01 -12.90
C LYS A 546 -20.28 15.50 -12.79
N GLY A 547 -21.33 14.75 -13.12
CA GLY A 547 -21.34 13.32 -12.91
C GLY A 547 -21.88 12.89 -11.57
N CYS A 548 -22.31 13.83 -10.72
CA CYS A 548 -22.83 13.53 -9.40
C CYS A 548 -24.29 13.91 -9.31
N LEU A 549 -25.13 12.98 -8.86
CA LEU A 549 -26.57 13.21 -8.72
C LEU A 549 -26.84 13.79 -7.33
N LEU A 550 -27.19 15.06 -7.28
CA LEU A 550 -27.52 15.73 -6.03
C LEU A 550 -29.03 15.82 -5.86
N LYS A 551 -29.49 15.53 -4.65
CA LYS A 551 -30.91 15.55 -4.32
C LYS A 551 -31.08 16.32 -3.02
N GLN A 552 -31.91 17.37 -3.06
CA GLN A 552 -32.14 18.22 -1.89
C GLN A 552 -32.88 17.45 -0.80
PA FAD B . -4.81 0.97 6.61
O1A FAD B . -3.53 1.52 7.19
O2A FAD B . -4.61 -0.47 6.23
O5B FAD B . -6.00 1.08 7.70
C5B FAD B . -7.19 0.28 7.51
C4B FAD B . -7.90 0.16 8.82
O4B FAD B . -9.37 0.02 8.61
C3B FAD B . -7.43 -1.03 9.53
O3B FAD B . -7.05 -0.68 10.88
C2B FAD B . -8.58 -1.96 9.60
O2B FAD B . -8.55 -2.70 10.84
C1B FAD B . -9.73 -1.08 9.57
N9A FAD B . -10.89 -1.75 9.17
C8A FAD B . -11.17 -2.31 8.12
N7A FAD B . -12.12 -2.79 7.99
C5A FAD B . -12.93 -2.81 8.84
C6A FAD B . -14.37 -3.22 9.36
N6A FAD B . -15.29 -3.98 8.55
N1A FAD B . -14.70 -2.82 10.69
C2A FAD B . -13.85 -2.18 11.34
N3A FAD B . -12.79 -1.83 11.05
C4A FAD B . -12.17 -1.97 10.02
N1 FAD B . 2.44 3.07 1.17
C2 FAD B . 3.20 4.22 0.64
O2 FAD B . 2.65 5.06 -0.07
N3 FAD B . 4.60 4.37 0.96
C4 FAD B . 5.23 3.43 1.78
O4 FAD B . 6.41 3.54 2.04
C4X FAD B . 4.47 2.27 2.30
N5 FAD B . 5.07 1.38 3.07
C5X FAD B . 4.31 0.25 3.58
C6 FAD B . 4.95 -0.69 4.39
C7 FAD B . 4.24 -1.80 4.92
C7M FAD B . 4.96 -2.81 5.79
C8 FAD B . 2.89 -1.96 4.62
C8M FAD B . 2.09 -3.20 5.21
C9 FAD B . 2.24 -1.03 3.81
C9A FAD B . 2.94 0.10 3.29
N10 FAD B . 2.29 1.06 2.45
C10 FAD B . 3.02 2.14 1.96
C1' FAD B . 0.88 0.94 2.13
C2' FAD B . 0.01 1.43 3.30
O2' FAD B . -1.10 0.59 3.42
C3' FAD B . -0.44 2.88 3.11
O3' FAD B . 0.67 3.72 3.09
C4' FAD B . -1.30 3.35 4.28
O4' FAD B . -0.96 2.62 5.44
C5' FAD B . -2.77 3.18 3.97
O5' FAD B . -3.53 3.77 5.04
P FAD B . -5.09 3.38 5.16
O1P FAD B . -5.69 4.08 6.38
O2P FAD B . -5.82 3.83 3.90
O3P FAD B . -5.24 1.80 5.31
PA NAP C . 3.11 -10.26 -2.57
O1A NAP C . 3.68 -8.97 -3.14
O2A NAP C . 1.71 -10.48 -3.12
O5B NAP C . 4.03 -11.51 -2.99
C5B NAP C . 3.77 -12.78 -2.34
C4B NAP C . 4.89 -13.73 -2.59
O4B NAP C . 4.56 -15.06 -2.02
C3B NAP C . 5.07 -13.91 -4.04
O3B NAP C . 6.49 -14.00 -4.34
C2B NAP C . 4.42 -15.17 -4.38
O2B NAP C . 5.04 -15.77 -5.53
C1B NAP C . 4.59 -16.00 -3.19
N9A NAP C . 3.59 -16.96 -3.09
C8A NAP C . 2.26 -16.73 -2.96
N7A NAP C . 1.61 -17.87 -2.89
C5A NAP C . 2.49 -18.88 -2.99
C6A NAP C . 2.38 -20.26 -2.97
N6A NAP C . 1.12 -20.86 -2.85
N1A NAP C . 3.48 -21.03 -3.07
C2A NAP C . 4.70 -20.48 -3.20
N3A NAP C . 4.85 -19.15 -3.21
C4A NAP C . 3.77 -18.32 -3.11
O3 NAP C . 3.04 -10.18 -0.99
PN NAP C . 3.73 -9.04 -0.10
O1N NAP C . 5.21 -9.02 -0.37
O2N NAP C . 3.46 -9.32 1.34
O5D NAP C . 3.10 -7.62 -0.48
C5D NAP C . 1.67 -7.50 -0.41
C4D NAP C . 1.26 -6.18 -0.93
O4D NAP C . 1.85 -5.10 -0.09
C3D NAP C . 1.78 -6.03 -2.29
O3D NAP C . 0.72 -6.33 -3.25
C2D NAP C . 2.18 -4.64 -2.44
O2D NAP C . 1.23 -3.94 -3.30
C1D NAP C . 2.21 -4.03 -1.11
N1N NAP C . 3.48 -3.50 -0.88
C2N NAP C . 4.27 -3.20 -1.98
C3N NAP C . 5.54 -2.68 -1.81
C7N NAP C . 6.38 -2.38 -3.09
O7N NAP C . 7.53 -2.02 -3.01
N7N NAP C . 5.75 -2.53 -4.37
C4N NAP C . 6.03 -2.44 -0.53
C5N NAP C . 5.24 -2.74 0.57
C6N NAP C . 3.96 -3.27 0.39
P2B NAP C . 4.50 -15.38 -6.96
O1X NAP C . 2.98 -15.37 -6.94
O2X NAP C . 5.00 -14.00 -7.33
O3X NAP C . 4.97 -16.38 -7.98
#